data_6KD7
#
_entry.id   6KD7
#
_cell.length_a   194.718
_cell.length_b   194.718
_cell.length_c   107.544
_cell.angle_alpha   90.000
_cell.angle_beta   90.000
_cell.angle_gamma   120.000
#
_symmetry.space_group_name_H-M   'P 63 2 2'
#
loop_
_entity.id
_entity.type
_entity.pdbx_description
1 polymer 'Polyprenyl synthetase'
2 non-polymer PYROPHOSPHATE
3 non-polymer GLYCEROL
4 non-polymer 'MAGNESIUM ION'
5 water water
#
_entity_poly.entity_id   1
_entity_poly.type   'polypeptide(L)'
_entity_poly.pdbx_seq_one_letter_code
;MNTLKSLRTTFLEELKSKVTATEPAGLYDPVHYILDLGGKRLRPLLTLMSAEMYGATAKDAMNAAIAVEVFHNFTLLHDD
IMDAADLRRGKETVHKKWDVNTGILTGDAMLIMAYRLFEDYDKDKFYQLNKVFSRTALEVCEGQQHDVDFETRDDVSVPE
YLNMIKLKTSVLVGCALQMGAIIAGVDEKEQELIYDYGINLGLAFQLMDDYLDAFGDPETFGKEVGGDIRENKKTYLYLK
SIENNDCATELKEWFALHFENMTEEQIDEKKETVKVFFEQSGGAKATLDAIESYTQKALKNIEELSIAPESKKQLTDFSL
QLMGRKSLEHHHHHH
;
_entity_poly.pdbx_strand_id   A
#
loop_
_chem_comp.id
_chem_comp.type
_chem_comp.name
_chem_comp.formula
GOL non-polymer GLYCEROL 'C3 H8 O3'
MG non-polymer 'MAGNESIUM ION' 'Mg 2'
PPV non-polymer PYROPHOSPHATE 'H4 O7 P2'
#
# COMPACT_ATOMS: atom_id res chain seq x y z
N MET A 1 -3.04 0.21 23.10
CA MET A 1 -2.89 1.42 22.20
C MET A 1 -4.20 2.21 22.23
N ASN A 2 -4.14 3.51 21.98
CA ASN A 2 -5.35 4.32 21.71
C ASN A 2 -6.09 3.69 20.54
N THR A 3 -7.36 4.03 20.42
CA THR A 3 -8.22 3.68 19.28
C THR A 3 -7.65 4.33 18.01
N LEU A 4 -7.74 3.63 16.88
CA LEU A 4 -7.52 4.19 15.53
C LEU A 4 -8.10 5.60 15.45
N LYS A 5 -9.35 5.80 15.89
CA LYS A 5 -10.07 7.08 15.69
C LYS A 5 -9.36 8.18 16.48
N SER A 6 -8.91 7.87 17.68
CA SER A 6 -8.18 8.81 18.56
C SER A 6 -6.81 9.13 17.92
N LEU A 7 -6.04 8.11 17.52
CA LEU A 7 -4.73 8.29 16.82
C LEU A 7 -4.93 9.10 15.54
N ARG A 8 -5.94 8.79 14.75
CA ARG A 8 -6.16 9.52 13.48
C ARG A 8 -6.42 10.99 13.78
N THR A 9 -7.14 11.28 14.86
CA THR A 9 -7.55 12.67 15.16
C THR A 9 -6.28 13.46 15.54
N THR A 10 -5.47 12.91 16.43
CA THR A 10 -4.18 13.50 16.86
C THR A 10 -3.28 13.65 15.61
N PHE A 11 -3.21 12.61 14.79
CA PHE A 11 -2.34 12.58 13.58
C PHE A 11 -2.70 13.73 12.67
N LEU A 12 -3.99 14.00 12.41
CA LEU A 12 -4.41 15.04 11.42
C LEU A 12 -4.16 16.41 12.01
N GLU A 13 -4.22 16.55 13.33
CA GLU A 13 -3.85 17.82 13.99
C GLU A 13 -2.35 18.07 13.81
N GLU A 14 -1.54 17.07 14.10
CA GLU A 14 -0.06 17.19 14.09
C GLU A 14 0.44 17.37 12.63
N LEU A 15 -0.17 16.68 11.66
CA LEU A 15 0.07 16.88 10.21
C LEU A 15 -0.10 18.36 9.86
N LYS A 16 -1.23 18.95 10.20
CA LYS A 16 -1.48 20.37 9.83
C LYS A 16 -0.41 21.23 10.50
N SER A 17 -0.08 20.94 11.75
CA SER A 17 0.95 21.69 12.51
C SER A 17 2.38 21.51 11.98
N LYS A 18 2.77 20.32 11.53
CA LYS A 18 4.19 20.08 11.14
C LYS A 18 4.48 20.20 9.64
N VAL A 19 3.48 20.34 8.79
CA VAL A 19 3.75 20.54 7.34
C VAL A 19 3.24 21.93 7.03
N THR A 20 4.12 22.93 7.13
CA THR A 20 3.71 24.35 7.04
C THR A 20 4.35 25.10 5.87
N ALA A 21 5.20 24.48 5.06
CA ALA A 21 5.81 25.26 3.96
C ALA A 21 4.70 25.75 3.03
N THR A 22 4.70 27.04 2.68
CA THR A 22 3.65 27.54 1.76
C THR A 22 4.25 28.26 0.54
N GLU A 23 5.46 28.79 0.64
CA GLU A 23 6.03 29.57 -0.49
C GLU A 23 7.32 28.91 -1.01
N PRO A 24 7.53 28.77 -2.34
CA PRO A 24 6.60 29.21 -3.38
C PRO A 24 5.37 28.31 -3.54
N ALA A 25 4.22 28.91 -3.78
CA ALA A 25 2.93 28.20 -3.87
C ALA A 25 2.97 27.15 -4.98
N GLY A 26 3.62 27.44 -6.10
CA GLY A 26 3.72 26.48 -7.24
C GLY A 26 4.37 25.16 -6.83
N LEU A 27 5.19 25.19 -5.78
CA LEU A 27 5.81 23.96 -5.26
C LEU A 27 4.94 23.33 -4.16
N TYR A 28 4.46 24.11 -3.19
CA TYR A 28 3.92 23.55 -1.92
C TYR A 28 2.38 23.43 -1.96
N ASP A 29 1.67 24.21 -2.78
CA ASP A 29 0.17 24.07 -2.85
C ASP A 29 -0.21 22.62 -3.13
N PRO A 30 0.43 21.91 -4.08
CA PRO A 30 0.10 20.53 -4.33
C PRO A 30 0.44 19.60 -3.16
N VAL A 31 1.34 19.98 -2.26
CA VAL A 31 1.62 19.10 -1.11
C VAL A 31 0.39 19.13 -0.19
N HIS A 32 -0.11 20.31 0.14
CA HIS A 32 -1.32 20.46 1.00
C HIS A 32 -2.53 19.75 0.34
N TYR A 33 -2.65 19.90 -0.98
CA TYR A 33 -3.74 19.28 -1.76
C TYR A 33 -3.68 17.77 -1.59
N ILE A 34 -2.54 17.13 -1.89
CA ILE A 34 -2.54 15.64 -1.88
C ILE A 34 -2.71 15.13 -0.45
N LEU A 35 -2.21 15.85 0.56
CA LEU A 35 -2.33 15.39 1.98
C LEU A 35 -3.74 15.59 2.49
N ASP A 36 -4.59 16.32 1.78
CA ASP A 36 -5.98 16.62 2.19
C ASP A 36 -6.98 15.75 1.41
N LEU A 37 -6.61 14.63 0.85
CA LEU A 37 -7.58 13.82 0.08
C LEU A 37 -8.22 12.78 0.99
N GLY A 38 -7.84 12.73 2.27
CA GLY A 38 -8.54 11.88 3.26
C GLY A 38 -8.25 10.39 3.16
N GLY A 39 -9.15 9.60 3.75
CA GLY A 39 -8.99 8.14 3.93
C GLY A 39 -8.45 7.73 5.31
N LYS A 40 -7.98 6.48 5.37
CA LYS A 40 -7.73 5.73 6.62
C LYS A 40 -6.36 6.08 7.19
N ARG A 41 -5.40 6.58 6.41
CA ARG A 41 -4.00 6.88 6.87
C ARG A 41 -3.43 5.68 7.62
N LEU A 42 -3.69 4.48 7.14
CA LEU A 42 -3.20 3.21 7.72
C LEU A 42 -1.72 3.33 8.04
N ARG A 43 -0.89 3.78 7.10
CA ARG A 43 0.58 3.62 7.26
C ARG A 43 1.08 4.44 8.44
N PRO A 44 0.81 5.74 8.54
CA PRO A 44 1.28 6.51 9.69
C PRO A 44 0.76 5.94 11.02
N LEU A 45 -0.47 5.44 11.06
CA LEU A 45 -1.10 4.92 12.30
C LEU A 45 -0.40 3.64 12.70
N LEU A 46 0.16 2.86 11.79
CA LEU A 46 0.97 1.68 12.19
C LEU A 46 2.18 2.14 13.04
N THR A 47 2.81 3.26 12.67
CA THR A 47 4.00 3.84 13.34
C THR A 47 3.59 4.18 14.79
N LEU A 48 2.50 4.93 14.96
CA LEU A 48 1.96 5.35 16.29
C LEU A 48 1.58 4.11 17.12
N MET A 49 0.92 3.13 16.52
CA MET A 49 0.49 1.93 17.26
C MET A 49 1.74 1.21 17.76
N SER A 50 2.75 1.04 16.91
CA SER A 50 4.02 0.32 17.22
C SER A 50 4.69 1.02 18.40
N ALA A 51 4.83 2.33 18.31
CA ALA A 51 5.42 3.17 19.35
C ALA A 51 4.69 2.85 20.67
N GLU A 52 3.38 3.03 20.76
CA GLU A 52 2.60 2.85 22.01
C GLU A 52 2.79 1.44 22.58
N MET A 53 2.54 0.42 21.78
CA MET A 53 2.72 -0.99 22.17
C MET A 53 4.07 -1.24 22.80
N TYR A 54 5.12 -0.52 22.43
CA TYR A 54 6.48 -0.85 22.91
C TYR A 54 6.89 0.16 23.99
N GLY A 55 6.04 1.10 24.32
CA GLY A 55 6.23 1.89 25.52
C GLY A 55 6.35 3.36 25.25
N ALA A 56 6.49 3.81 23.99
CA ALA A 56 6.69 5.25 23.74
C ALA A 56 5.32 5.89 23.63
N THR A 57 5.26 7.21 23.46
CA THR A 57 4.00 7.91 23.10
C THR A 57 3.84 8.06 21.58
N ALA A 58 2.60 8.21 21.17
CA ALA A 58 2.20 8.74 19.86
C ALA A 58 2.99 10.01 19.59
N LYS A 59 3.02 10.90 20.57
CA LYS A 59 3.66 12.22 20.38
C LYS A 59 5.14 12.00 20.03
N ASP A 60 5.77 11.00 20.63
CA ASP A 60 7.21 10.79 20.37
C ASP A 60 7.38 10.36 18.91
N ALA A 61 6.51 9.46 18.44
CA ALA A 61 6.57 8.82 17.12
C ALA A 61 6.00 9.72 16.00
N MET A 62 5.46 10.87 16.34
CA MET A 62 4.56 11.61 15.44
C MET A 62 5.35 12.07 14.20
N ASN A 63 6.51 12.71 14.37
CA ASN A 63 7.29 13.23 13.22
C ASN A 63 7.60 12.07 12.25
N ALA A 64 7.98 10.91 12.75
CA ALA A 64 8.27 9.73 11.93
C ALA A 64 7.01 9.22 11.22
N ALA A 65 5.88 9.20 11.92
CA ALA A 65 4.56 8.83 11.37
C ALA A 65 4.24 9.77 10.19
N ILE A 66 4.41 11.05 10.38
CA ILE A 66 4.17 12.05 9.32
C ILE A 66 5.15 11.82 8.16
N ALA A 67 6.42 11.45 8.43
CA ALA A 67 7.38 11.15 7.34
C ALA A 67 6.80 10.03 6.48
N VAL A 68 6.32 8.99 7.13
CA VAL A 68 5.76 7.82 6.44
C VAL A 68 4.65 8.28 5.48
N GLU A 69 3.72 9.10 5.94
CA GLU A 69 2.57 9.55 5.16
C GLU A 69 3.08 10.46 4.04
N VAL A 70 4.03 11.34 4.32
CA VAL A 70 4.54 12.25 3.28
C VAL A 70 5.21 11.40 2.20
N PHE A 71 5.95 10.38 2.63
CA PHE A 71 6.65 9.47 1.71
C PHE A 71 5.62 8.78 0.83
N HIS A 72 4.65 8.11 1.45
CA HIS A 72 3.62 7.34 0.71
C HIS A 72 2.95 8.25 -0.35
N ASN A 73 2.61 9.47 0.01
CA ASN A 73 1.91 10.43 -0.87
C ASN A 73 2.87 10.85 -1.98
N PHE A 74 4.16 10.92 -1.69
CA PHE A 74 5.16 11.24 -2.73
C PHE A 74 5.08 10.14 -3.79
N THR A 75 5.00 8.88 -3.36
CA THR A 75 4.94 7.77 -4.30
C THR A 75 3.62 7.87 -5.09
N LEU A 76 2.52 8.29 -4.48
CA LEU A 76 1.24 8.31 -5.22
C LEU A 76 1.31 9.40 -6.32
N LEU A 77 1.96 10.52 -5.99
CA LEU A 77 2.05 11.66 -6.91
C LEU A 77 2.80 11.24 -8.18
N HIS A 78 3.95 10.60 -8.04
CA HIS A 78 4.77 10.17 -9.21
C HIS A 78 4.00 9.03 -9.89
N ASP A 79 3.42 8.14 -9.11
CA ASP A 79 2.71 6.98 -9.68
C ASP A 79 1.52 7.43 -10.52
N ASP A 80 0.76 8.41 -10.04
CA ASP A 80 -0.39 8.95 -10.79
C ASP A 80 0.10 9.51 -12.13
N ILE A 81 1.25 10.16 -12.17
CA ILE A 81 1.85 10.66 -13.44
C ILE A 81 2.17 9.43 -14.30
N MET A 82 2.97 8.51 -13.79
CA MET A 82 3.45 7.37 -14.61
C MET A 82 2.29 6.49 -15.08
N ASP A 83 1.21 6.43 -14.30
CA ASP A 83 0.06 5.57 -14.66
C ASP A 83 -1.00 6.38 -15.41
N ALA A 84 -0.76 7.67 -15.63
CA ALA A 84 -1.74 8.55 -16.31
C ALA A 84 -3.10 8.48 -15.61
N ALA A 85 -3.10 8.59 -14.28
CA ALA A 85 -4.35 8.57 -13.49
C ALA A 85 -4.95 9.98 -13.50
N ASP A 86 -6.25 10.07 -13.80
CA ASP A 86 -6.95 11.37 -13.86
C ASP A 86 -7.51 11.76 -12.50
N LEU A 87 -7.91 10.79 -11.70
CA LEU A 87 -8.55 11.07 -10.40
C LEU A 87 -7.85 10.23 -9.31
N ARG A 88 -7.84 10.79 -8.10
CA ARG A 88 -7.41 10.09 -6.87
C ARG A 88 -8.46 10.42 -5.81
N ARG A 89 -9.11 9.43 -5.23
CA ARG A 89 -10.10 9.69 -4.16
C ARG A 89 -11.16 10.71 -4.59
N GLY A 90 -11.60 10.62 -5.83
CA GLY A 90 -12.72 11.41 -6.36
C GLY A 90 -12.30 12.81 -6.76
N LYS A 91 -11.01 13.12 -6.69
CA LYS A 91 -10.52 14.48 -7.01
C LYS A 91 -9.43 14.39 -8.09
N GLU A 92 -9.21 15.49 -8.79
CA GLU A 92 -8.18 15.52 -9.86
C GLU A 92 -6.82 15.17 -9.26
N THR A 93 -6.03 14.40 -9.99
CA THR A 93 -4.62 14.15 -9.64
C THR A 93 -3.84 15.46 -9.76
N VAL A 94 -2.70 15.54 -9.08
CA VAL A 94 -1.86 16.74 -9.06
C VAL A 94 -1.49 17.10 -10.49
N HIS A 95 -1.08 16.16 -11.33
CA HIS A 95 -0.58 16.51 -12.68
C HIS A 95 -1.71 17.00 -13.59
N LYS A 96 -2.95 16.64 -13.27
CA LYS A 96 -4.15 17.09 -14.01
C LYS A 96 -4.58 18.48 -13.53
N LYS A 97 -4.62 18.68 -12.21
CA LYS A 97 -5.01 19.98 -11.62
C LYS A 97 -3.96 21.04 -11.96
N TRP A 98 -2.69 20.67 -11.88
CA TRP A 98 -1.60 21.60 -12.22
C TRP A 98 -1.03 21.14 -13.56
N ASP A 99 0.10 20.44 -13.53
CA ASP A 99 0.75 19.91 -14.75
C ASP A 99 1.74 18.82 -14.35
N VAL A 100 2.27 18.11 -15.35
CA VAL A 100 3.21 17.00 -15.10
C VAL A 100 4.47 17.51 -14.38
N ASN A 101 5.01 18.64 -14.81
CA ASN A 101 6.26 19.20 -14.26
C ASN A 101 6.05 19.53 -12.78
N THR A 102 4.85 19.99 -12.41
CA THR A 102 4.48 20.26 -11.00
C THR A 102 4.48 18.92 -10.28
N GLY A 103 3.87 17.92 -10.85
CA GLY A 103 3.86 16.61 -10.20
C GLY A 103 5.29 16.10 -9.97
N ILE A 104 6.19 16.27 -10.93
CA ILE A 104 7.56 15.71 -10.83
C ILE A 104 8.26 16.45 -9.69
N LEU A 105 8.27 17.76 -9.74
CA LEU A 105 9.07 18.61 -8.83
C LEU A 105 8.46 18.57 -7.43
N THR A 106 7.14 18.71 -7.29
CA THR A 106 6.49 18.66 -5.95
C THR A 106 6.75 17.29 -5.34
N GLY A 107 6.68 16.22 -6.11
CA GLY A 107 6.92 14.90 -5.51
C GLY A 107 8.36 14.81 -4.96
N ASP A 108 9.32 15.34 -5.72
CA ASP A 108 10.74 15.40 -5.30
C ASP A 108 10.81 16.16 -3.96
N ALA A 109 10.16 17.31 -3.84
CA ALA A 109 10.19 18.16 -2.64
C ALA A 109 9.57 17.35 -1.47
N MET A 110 8.57 16.53 -1.72
CA MET A 110 7.89 15.77 -0.64
C MET A 110 8.85 14.70 -0.14
N LEU A 111 9.56 13.96 -1.02
CA LEU A 111 10.54 12.96 -0.54
C LEU A 111 11.56 13.62 0.43
N ILE A 112 12.00 14.81 0.11
CA ILE A 112 13.04 15.52 0.89
C ILE A 112 12.40 15.96 2.21
N MET A 113 11.17 16.48 2.19
CA MET A 113 10.45 16.92 3.40
C MET A 113 10.26 15.73 4.35
N ALA A 114 10.03 14.54 3.79
CA ALA A 114 9.89 13.34 4.62
C ALA A 114 11.19 13.15 5.40
N TYR A 115 12.33 13.15 4.70
CA TYR A 115 13.65 12.92 5.35
C TYR A 115 13.82 13.95 6.47
N ARG A 116 13.43 15.18 6.22
CA ARG A 116 13.64 16.27 7.21
C ARG A 116 12.84 16.05 8.49
N LEU A 117 11.76 15.29 8.43
CA LEU A 117 10.89 15.09 9.60
C LEU A 117 11.59 14.16 10.62
N PHE A 118 12.70 13.50 10.25
CA PHE A 118 13.50 12.68 11.19
C PHE A 118 14.40 13.59 12.07
N GLU A 119 14.59 14.86 11.75
CA GLU A 119 15.72 15.65 12.31
C GLU A 119 15.59 15.90 13.81
N ASP A 120 14.39 15.92 14.40
CA ASP A 120 14.23 16.12 15.87
C ASP A 120 14.60 14.86 16.67
N TYR A 121 14.80 13.71 16.02
CA TYR A 121 15.19 12.49 16.78
C TYR A 121 16.66 12.56 17.23
N ASP A 122 16.98 11.84 18.30
CA ASP A 122 18.37 11.75 18.79
C ASP A 122 19.19 11.05 17.70
N LYS A 123 20.51 11.19 17.74
CA LYS A 123 21.45 10.80 16.66
C LYS A 123 21.34 9.31 16.45
N ASP A 124 21.06 8.57 17.50
CA ASP A 124 21.02 7.10 17.36
C ASP A 124 19.72 6.69 16.60
N LYS A 125 18.59 7.29 16.94
CA LYS A 125 17.32 6.90 16.31
C LYS A 125 17.29 7.49 14.88
N PHE A 126 17.70 8.74 14.75
CA PHE A 126 17.90 9.42 13.45
C PHE A 126 18.61 8.48 12.49
N TYR A 127 19.72 7.90 12.91
CA TYR A 127 20.50 6.98 12.07
C TYR A 127 19.63 5.77 11.71
N GLN A 128 18.93 5.22 12.66
CA GLN A 128 18.25 3.92 12.42
C GLN A 128 17.05 4.16 11.49
N LEU A 129 16.34 5.26 11.73
CA LEU A 129 15.12 5.69 11.01
C LEU A 129 15.54 5.90 9.53
N ASN A 130 16.60 6.69 9.30
CA ASN A 130 17.06 7.03 7.92
C ASN A 130 17.40 5.74 7.22
N LYS A 131 18.12 4.86 7.90
CA LYS A 131 18.58 3.60 7.26
C LYS A 131 17.42 2.69 6.82
N VAL A 132 16.42 2.46 7.67
CA VAL A 132 15.35 1.52 7.24
C VAL A 132 14.44 2.24 6.22
N PHE A 133 14.29 3.56 6.36
CA PHE A 133 13.44 4.40 5.48
C PHE A 133 14.00 4.37 4.04
N SER A 134 15.30 4.65 3.90
CA SER A 134 16.02 4.68 2.60
C SER A 134 16.01 3.30 1.97
N ARG A 135 16.24 2.25 2.71
CA ARG A 135 16.25 0.90 2.14
C ARG A 135 14.84 0.61 1.59
N THR A 136 13.82 0.96 2.39
CA THR A 136 12.40 0.79 2.03
C THR A 136 12.10 1.63 0.78
N ALA A 137 12.52 2.89 0.73
CA ALA A 137 12.16 3.78 -0.39
C ALA A 137 12.76 3.19 -1.68
N LEU A 138 13.96 2.63 -1.62
CA LEU A 138 14.66 2.15 -2.82
C LEU A 138 14.01 0.86 -3.22
N GLU A 139 13.52 0.10 -2.24
CA GLU A 139 12.83 -1.17 -2.55
C GLU A 139 11.52 -0.85 -3.29
N VAL A 140 10.81 0.18 -2.85
CA VAL A 140 9.53 0.61 -3.47
C VAL A 140 9.86 0.96 -4.95
N CYS A 141 10.96 1.66 -5.23
CA CYS A 141 11.37 1.97 -6.64
C CYS A 141 11.55 0.65 -7.43
N GLU A 142 12.21 -0.34 -6.83
CA GLU A 142 12.47 -1.61 -7.52
C GLU A 142 11.14 -2.30 -7.76
N GLY A 143 10.24 -2.30 -6.80
CA GLY A 143 8.94 -2.96 -7.00
C GLY A 143 8.18 -2.32 -8.18
N GLN A 144 8.22 -1.01 -8.30
CA GLN A 144 7.58 -0.24 -9.38
C GLN A 144 8.18 -0.73 -10.69
N GLN A 145 9.51 -0.82 -10.76
CA GLN A 145 10.15 -1.21 -12.03
C GLN A 145 9.77 -2.63 -12.39
N HIS A 146 9.72 -3.55 -11.43
CA HIS A 146 9.33 -4.94 -11.71
C HIS A 146 7.91 -4.93 -12.28
N ASP A 147 7.01 -4.17 -11.69
CA ASP A 147 5.60 -4.15 -12.14
C ASP A 147 5.55 -3.66 -13.60
N VAL A 148 6.37 -2.68 -13.95
CA VAL A 148 6.48 -2.14 -15.33
C VAL A 148 7.03 -3.27 -16.22
N ASP A 149 8.11 -3.93 -15.79
CA ASP A 149 8.73 -5.01 -16.59
C ASP A 149 7.69 -6.12 -16.87
N PHE A 150 6.80 -6.41 -15.93
CA PHE A 150 5.82 -7.51 -16.10
C PHE A 150 4.84 -7.20 -17.24
N GLU A 151 4.68 -5.92 -17.56
CA GLU A 151 3.72 -5.51 -18.63
C GLU A 151 4.11 -6.15 -19.96
N THR A 152 5.39 -6.33 -20.23
CA THR A 152 5.83 -6.86 -21.55
C THR A 152 6.34 -8.28 -21.42
N ARG A 153 6.01 -8.96 -20.33
CA ARG A 153 6.45 -10.36 -20.18
C ARG A 153 5.22 -11.26 -20.30
N ASP A 154 5.33 -12.37 -21.01
CA ASP A 154 4.17 -13.30 -21.10
C ASP A 154 4.42 -14.43 -20.11
N ASP A 155 5.52 -14.35 -19.38
CA ASP A 155 5.95 -15.48 -18.52
C ASP A 155 6.21 -15.05 -17.07
N VAL A 156 5.20 -14.63 -16.33
CA VAL A 156 5.48 -14.17 -14.92
C VAL A 156 5.06 -15.25 -13.92
N SER A 157 5.99 -15.67 -13.05
CA SER A 157 5.70 -16.70 -12.02
C SER A 157 5.06 -16.08 -10.77
N VAL A 158 4.35 -16.90 -10.01
CA VAL A 158 3.69 -16.46 -8.75
C VAL A 158 4.76 -15.96 -7.80
N PRO A 159 5.89 -16.66 -7.66
CA PRO A 159 6.98 -16.16 -6.82
C PRO A 159 7.46 -14.78 -7.26
N GLU A 160 7.59 -14.54 -8.55
CA GLU A 160 8.06 -13.22 -9.05
C GLU A 160 6.99 -12.17 -8.74
N TYR A 161 5.72 -12.47 -8.96
CA TYR A 161 4.60 -11.57 -8.60
C TYR A 161 4.65 -11.27 -7.07
N LEU A 162 4.85 -12.27 -6.20
CA LEU A 162 4.79 -12.02 -4.72
C LEU A 162 5.97 -11.16 -4.31
N ASN A 163 7.13 -11.39 -4.91
CA ASN A 163 8.33 -10.56 -4.69
C ASN A 163 8.03 -9.12 -5.12
N MET A 164 7.34 -8.93 -6.24
CA MET A 164 7.08 -7.55 -6.73
C MET A 164 6.15 -6.83 -5.75
N ILE A 165 5.01 -7.43 -5.40
CA ILE A 165 4.06 -6.75 -4.49
C ILE A 165 4.66 -6.59 -3.08
N LYS A 166 5.60 -7.45 -2.72
CA LYS A 166 6.28 -7.27 -1.41
C LYS A 166 7.03 -5.94 -1.45
N LEU A 167 7.89 -5.77 -2.45
CA LEU A 167 8.69 -4.52 -2.62
C LEU A 167 7.77 -3.31 -2.84
N LYS A 168 6.74 -3.45 -3.64
CA LYS A 168 5.97 -2.27 -4.09
C LYS A 168 5.00 -1.80 -3.00
N THR A 169 4.41 -2.75 -2.27
CA THR A 169 3.34 -2.36 -1.31
C THR A 169 3.55 -2.86 0.13
N SER A 170 4.39 -3.84 0.38
CA SER A 170 4.49 -4.42 1.75
C SER A 170 5.68 -3.91 2.57
N VAL A 171 6.84 -3.73 1.95
CA VAL A 171 8.04 -3.30 2.75
C VAL A 171 7.73 -2.00 3.51
N LEU A 172 6.90 -1.10 2.98
CA LEU A 172 6.61 0.17 3.66
C LEU A 172 5.71 -0.08 4.86
N VAL A 173 4.90 -1.12 4.83
CA VAL A 173 4.06 -1.51 6.01
C VAL A 173 4.99 -1.94 7.14
N GLY A 174 5.87 -2.90 6.85
CA GLY A 174 6.98 -3.33 7.72
C GLY A 174 7.74 -2.15 8.26
N CYS A 175 8.12 -1.24 7.38
CA CYS A 175 8.99 -0.10 7.71
C CYS A 175 8.25 0.80 8.69
N ALA A 176 7.00 1.16 8.41
CA ALA A 176 6.19 2.03 9.28
C ALA A 176 6.17 1.45 10.72
N LEU A 177 5.96 0.14 10.86
CA LEU A 177 5.92 -0.54 12.18
C LEU A 177 7.32 -0.50 12.81
N GLN A 178 8.35 -0.88 12.05
CA GLN A 178 9.75 -0.87 12.50
C GLN A 178 10.12 0.51 13.00
N MET A 179 9.64 1.60 12.39
CA MET A 179 10.06 2.96 12.82
C MET A 179 9.50 3.25 14.22
N GLY A 180 8.31 2.74 14.54
CA GLY A 180 7.71 3.01 15.87
C GLY A 180 8.50 2.29 16.93
N ALA A 181 8.90 1.06 16.63
CA ALA A 181 9.75 0.21 17.46
C ALA A 181 11.10 0.91 17.68
N ILE A 182 11.69 1.52 16.66
CA ILE A 182 12.98 2.24 16.80
C ILE A 182 12.75 3.39 17.76
N ILE A 183 11.65 4.10 17.64
CA ILE A 183 11.43 5.27 18.53
C ILE A 183 11.26 4.82 19.99
N ALA A 184 10.78 3.60 20.22
CA ALA A 184 10.54 3.05 21.58
C ALA A 184 11.85 2.49 22.13
N GLY A 185 12.90 2.42 21.33
CA GLY A 185 14.24 1.99 21.76
C GLY A 185 14.38 0.49 21.69
N VAL A 186 13.49 -0.19 21.00
CA VAL A 186 13.57 -1.67 20.93
C VAL A 186 14.82 -2.07 20.16
N ASP A 187 15.29 -3.29 20.37
CA ASP A 187 16.51 -3.84 19.72
C ASP A 187 16.24 -4.33 18.29
N GLU A 188 17.28 -4.62 17.52
CA GLU A 188 17.14 -5.02 16.10
C GLU A 188 16.32 -6.29 15.96
N LYS A 189 16.53 -7.28 16.83
CA LYS A 189 15.80 -8.57 16.70
C LYS A 189 14.31 -8.31 16.82
N GLU A 190 13.90 -7.47 17.77
CA GLU A 190 12.47 -7.15 17.97
C GLU A 190 11.97 -6.32 16.79
N GLN A 191 12.78 -5.37 16.34
CA GLN A 191 12.39 -4.49 15.22
C GLN A 191 12.08 -5.36 14.00
N GLU A 192 12.93 -6.33 13.74
CA GLU A 192 12.71 -7.24 12.60
C GLU A 192 11.44 -8.07 12.81
N LEU A 193 11.07 -8.37 14.05
CA LEU A 193 9.89 -9.24 14.23
C LEU A 193 8.66 -8.39 13.84
N ILE A 194 8.58 -7.16 14.32
CA ILE A 194 7.40 -6.33 13.94
C ILE A 194 7.42 -6.04 12.43
N TYR A 195 8.60 -5.83 11.86
CA TYR A 195 8.76 -5.65 10.40
C TYR A 195 8.11 -6.81 9.68
N ASP A 196 8.47 -8.03 10.06
CA ASP A 196 7.96 -9.27 9.45
C ASP A 196 6.43 -9.33 9.51
N TYR A 197 5.85 -8.98 10.66
CA TYR A 197 4.38 -8.88 10.79
C TYR A 197 3.88 -7.99 9.64
N GLY A 198 4.43 -6.77 9.54
CA GLY A 198 4.08 -5.79 8.49
C GLY A 198 4.20 -6.40 7.08
N ILE A 199 5.22 -7.19 6.80
CA ILE A 199 5.34 -7.86 5.49
C ILE A 199 4.13 -8.75 5.27
N ASN A 200 3.79 -9.61 6.23
CA ASN A 200 2.70 -10.60 6.02
C ASN A 200 1.38 -9.82 5.94
N LEU A 201 1.23 -8.79 6.76
CA LEU A 201 -0.02 -8.03 6.72
C LEU A 201 -0.13 -7.37 5.34
N GLY A 202 0.97 -6.83 4.84
CA GLY A 202 0.97 -5.98 3.63
C GLY A 202 0.69 -6.87 2.42
N LEU A 203 1.23 -8.07 2.43
CA LEU A 203 0.98 -9.05 1.36
C LEU A 203 -0.50 -9.47 1.39
N ALA A 204 -1.07 -9.77 2.55
CA ALA A 204 -2.50 -10.09 2.66
C ALA A 204 -3.30 -8.92 2.12
N PHE A 205 -2.96 -7.72 2.54
CA PHE A 205 -3.73 -6.51 2.15
C PHE A 205 -3.74 -6.36 0.59
N GLN A 206 -2.59 -6.55 -0.05
CA GLN A 206 -2.43 -6.33 -1.50
C GLN A 206 -3.13 -7.48 -2.24
N LEU A 207 -3.00 -8.70 -1.77
CA LEU A 207 -3.75 -9.84 -2.36
C LEU A 207 -5.25 -9.58 -2.26
N MET A 208 -5.69 -8.94 -1.19
CA MET A 208 -7.11 -8.55 -1.02
C MET A 208 -7.46 -7.49 -2.07
N ASP A 209 -6.58 -6.51 -2.29
CA ASP A 209 -6.82 -5.47 -3.32
C ASP A 209 -6.92 -6.18 -4.70
N ASP A 210 -6.06 -7.16 -5.01
CA ASP A 210 -6.13 -7.89 -6.29
C ASP A 210 -7.53 -8.51 -6.40
N TYR A 211 -8.05 -9.08 -5.30
CA TYR A 211 -9.32 -9.82 -5.31
C TYR A 211 -10.48 -8.86 -5.55
N LEU A 212 -10.48 -7.76 -4.82
CA LEU A 212 -11.60 -6.79 -4.80
C LEU A 212 -11.58 -5.97 -6.10
N ASP A 213 -10.44 -5.86 -6.76
CA ASP A 213 -10.40 -5.13 -8.05
C ASP A 213 -11.39 -5.81 -9.02
N ALA A 214 -11.42 -7.13 -9.08
CA ALA A 214 -12.35 -7.92 -9.91
C ALA A 214 -13.72 -8.05 -9.25
N PHE A 215 -13.78 -8.38 -7.95
CA PHE A 215 -15.01 -8.89 -7.31
C PHE A 215 -15.58 -7.91 -6.30
N GLY A 216 -14.97 -6.74 -6.16
CA GLY A 216 -15.37 -5.73 -5.18
C GLY A 216 -16.66 -5.02 -5.54
N ASP A 217 -17.30 -4.38 -4.56
CA ASP A 217 -18.55 -3.63 -4.80
C ASP A 217 -18.23 -2.33 -5.54
N PRO A 218 -18.97 -2.00 -6.61
CA PRO A 218 -18.71 -0.79 -7.37
C PRO A 218 -18.95 0.49 -6.56
N GLU A 219 -18.03 1.45 -6.70
CA GLU A 219 -18.17 2.82 -6.14
C GLU A 219 -17.85 3.75 -7.32
N THR A 220 -18.74 4.67 -7.67
CA THR A 220 -18.52 5.50 -8.89
C THR A 220 -17.23 6.31 -8.79
N PHE A 221 -16.96 6.89 -7.61
CA PHE A 221 -15.75 7.73 -7.45
C PHE A 221 -14.68 6.90 -6.75
N GLY A 222 -14.94 5.61 -6.61
CA GLY A 222 -14.03 4.62 -6.03
C GLY A 222 -13.27 3.87 -7.11
N LYS A 223 -12.54 2.83 -6.72
CA LYS A 223 -11.74 2.05 -7.70
C LYS A 223 -12.67 1.36 -8.71
N GLU A 224 -12.33 1.48 -9.99
CA GLU A 224 -13.13 0.87 -11.07
C GLU A 224 -13.18 -0.63 -10.83
N VAL A 225 -14.34 -1.25 -10.98
CA VAL A 225 -14.35 -2.73 -10.86
C VAL A 225 -13.82 -3.27 -12.19
N GLY A 226 -12.89 -4.22 -12.13
CA GLY A 226 -12.30 -4.82 -13.35
C GLY A 226 -11.23 -3.98 -14.03
N GLY A 227 -10.62 -3.00 -13.36
CA GLY A 227 -9.49 -2.21 -13.91
C GLY A 227 -8.29 -3.08 -14.24
N ASP A 228 -7.96 -4.01 -13.38
CA ASP A 228 -6.83 -4.91 -13.63
C ASP A 228 -7.15 -5.73 -14.90
N ILE A 229 -8.38 -6.19 -15.04
CA ILE A 229 -8.81 -6.99 -16.23
C ILE A 229 -8.69 -6.12 -17.49
N ARG A 230 -9.29 -4.95 -17.47
CA ARG A 230 -9.27 -4.02 -18.62
C ARG A 230 -7.82 -3.76 -19.06
N GLU A 231 -6.90 -3.62 -18.10
CA GLU A 231 -5.51 -3.22 -18.41
C GLU A 231 -4.63 -4.45 -18.55
N ASN A 232 -5.21 -5.63 -18.49
CA ASN A 232 -4.46 -6.89 -18.63
C ASN A 232 -3.33 -6.95 -17.61
N LYS A 233 -3.55 -6.50 -16.36
CA LYS A 233 -2.52 -6.64 -15.29
C LYS A 233 -2.53 -8.08 -14.83
N LYS A 234 -1.38 -8.71 -14.84
CA LYS A 234 -1.26 -10.13 -14.46
C LYS A 234 -1.13 -10.20 -12.92
N THR A 235 -2.26 -10.10 -12.23
CA THR A 235 -2.30 -10.11 -10.75
C THR A 235 -2.45 -11.55 -10.25
N TYR A 236 -2.45 -11.73 -8.93
CA TYR A 236 -2.46 -13.09 -8.35
C TYR A 236 -3.69 -13.84 -8.87
N LEU A 237 -4.80 -13.11 -9.01
CA LEU A 237 -6.08 -13.68 -9.48
C LEU A 237 -5.87 -14.28 -10.89
N TYR A 238 -5.24 -13.54 -11.80
CA TYR A 238 -4.99 -14.07 -13.17
C TYR A 238 -3.94 -15.19 -13.17
N LEU A 239 -2.85 -15.01 -12.42
CA LEU A 239 -1.73 -15.98 -12.41
C LEU A 239 -2.21 -17.35 -11.93
N LYS A 240 -3.11 -17.40 -10.96
CA LYS A 240 -3.64 -18.67 -10.39
C LYS A 240 -4.68 -19.24 -11.37
N SER A 241 -5.53 -18.41 -11.94
CA SER A 241 -6.55 -18.81 -12.93
C SER A 241 -5.91 -19.56 -14.11
N ILE A 242 -4.74 -19.13 -14.59
CA ILE A 242 -4.15 -19.75 -15.80
C ILE A 242 -3.41 -21.03 -15.44
N GLU A 243 -3.33 -21.42 -14.17
CA GLU A 243 -2.70 -22.71 -13.78
C GLU A 243 -3.64 -23.86 -14.19
N ASN A 244 -4.89 -23.50 -14.48
CA ASN A 244 -5.93 -24.46 -14.91
C ASN A 244 -5.91 -24.58 -16.44
N ASN A 245 -5.38 -25.68 -16.95
CA ASN A 245 -5.24 -25.95 -18.40
C ASN A 245 -6.59 -25.89 -19.12
N ASP A 246 -7.72 -26.01 -18.43
CA ASP A 246 -9.07 -25.84 -19.05
C ASP A 246 -9.37 -24.39 -19.44
N CYS A 247 -8.97 -23.39 -18.64
CA CYS A 247 -9.36 -21.97 -18.81
C CYS A 247 -8.20 -21.19 -19.50
N ALA A 248 -6.97 -21.69 -19.45
CA ALA A 248 -5.73 -20.91 -19.65
C ALA A 248 -5.71 -20.25 -21.03
N THR A 249 -5.98 -21.00 -22.08
CA THR A 249 -5.88 -20.50 -23.47
C THR A 249 -6.87 -19.35 -23.66
N GLU A 250 -8.15 -19.48 -23.28
N GLU A 250 -8.12 -19.57 -23.30
CA GLU A 250 -9.13 -18.38 -23.54
CA GLU A 250 -9.18 -18.54 -23.39
C GLU A 250 -8.94 -17.24 -22.51
C GLU A 250 -8.68 -17.30 -22.62
N LEU A 251 -8.29 -17.46 -21.36
CA LEU A 251 -7.89 -16.33 -20.48
C LEU A 251 -6.75 -15.56 -21.16
N LYS A 252 -5.74 -16.25 -21.66
CA LYS A 252 -4.62 -15.57 -22.34
C LYS A 252 -5.14 -14.80 -23.56
N GLU A 253 -6.22 -15.26 -24.19
CA GLU A 253 -6.73 -14.59 -25.42
C GLU A 253 -7.48 -13.35 -24.98
N TRP A 254 -8.26 -13.42 -23.89
CA TRP A 254 -8.90 -12.18 -23.38
C TRP A 254 -7.81 -11.17 -23.00
N PHE A 255 -6.70 -11.63 -22.44
CA PHE A 255 -5.63 -10.75 -21.89
C PHE A 255 -4.76 -10.23 -23.03
N ALA A 256 -5.02 -10.66 -24.27
CA ALA A 256 -4.34 -10.15 -25.48
C ALA A 256 -5.09 -8.95 -26.08
N LEU A 257 -6.36 -8.73 -25.72
CA LEU A 257 -7.09 -7.55 -26.26
C LEU A 257 -6.77 -6.32 -25.43
N HIS A 258 -6.19 -5.29 -26.07
N HIS A 258 -6.30 -5.26 -26.08
CA HIS A 258 -6.04 -3.92 -25.50
CA HIS A 258 -5.95 -3.97 -25.45
C HIS A 258 -7.42 -3.31 -25.41
C HIS A 258 -7.20 -3.07 -25.51
N PHE A 259 -7.65 -2.52 -24.37
CA PHE A 259 -8.93 -1.81 -24.17
C PHE A 259 -9.11 -0.68 -25.20
N GLU A 260 -8.02 -0.15 -25.74
CA GLU A 260 -8.10 0.88 -26.82
C GLU A 260 -8.64 0.29 -28.14
N ASN A 261 -8.67 -1.03 -28.33
CA ASN A 261 -9.21 -1.73 -29.53
C ASN A 261 -10.63 -2.19 -29.27
N MET A 262 -11.25 -1.72 -28.18
CA MET A 262 -12.56 -2.26 -27.72
C MET A 262 -13.52 -1.10 -27.43
N THR A 263 -14.80 -1.37 -27.65
CA THR A 263 -15.96 -0.56 -27.19
C THR A 263 -16.24 -0.81 -25.70
N GLU A 264 -16.91 0.13 -25.02
CA GLU A 264 -17.38 -0.02 -23.61
C GLU A 264 -17.98 -1.40 -23.40
N GLU A 265 -18.86 -1.82 -24.30
CA GLU A 265 -19.69 -3.03 -24.11
C GLU A 265 -18.78 -4.26 -24.22
N GLN A 266 -17.72 -4.15 -25.04
CA GLN A 266 -16.76 -5.26 -25.22
C GLN A 266 -15.95 -5.38 -23.92
N ILE A 267 -15.58 -4.24 -23.35
CA ILE A 267 -14.79 -4.15 -22.10
C ILE A 267 -15.63 -4.78 -20.97
N ASP A 268 -16.89 -4.37 -20.87
CA ASP A 268 -17.82 -4.93 -19.85
C ASP A 268 -17.99 -6.44 -20.09
N GLU A 269 -18.13 -6.87 -21.34
CA GLU A 269 -18.27 -8.33 -21.57
C GLU A 269 -16.97 -9.05 -21.18
N LYS A 270 -15.83 -8.42 -21.47
CA LYS A 270 -14.53 -9.01 -21.10
C LYS A 270 -14.46 -9.15 -19.57
N LYS A 271 -14.89 -8.11 -18.84
CA LYS A 271 -14.84 -8.15 -17.36
C LYS A 271 -15.75 -9.26 -16.83
N GLU A 272 -16.98 -9.36 -17.34
CA GLU A 272 -17.93 -10.40 -16.87
C GLU A 272 -17.38 -11.77 -17.22
N THR A 273 -16.83 -11.94 -18.41
CA THR A 273 -16.38 -13.28 -18.86
C THR A 273 -15.13 -13.68 -18.09
N VAL A 274 -14.17 -12.75 -17.96
CA VAL A 274 -12.92 -13.08 -17.22
C VAL A 274 -13.27 -13.35 -15.74
N LYS A 275 -14.13 -12.53 -15.13
CA LYS A 275 -14.60 -12.80 -13.73
C LYS A 275 -15.11 -14.23 -13.65
N VAL A 276 -15.91 -14.67 -14.61
CA VAL A 276 -16.47 -16.06 -14.56
C VAL A 276 -15.32 -17.05 -14.67
N PHE A 277 -14.34 -16.82 -15.55
CA PHE A 277 -13.17 -17.74 -15.66
C PHE A 277 -12.39 -17.77 -14.33
N PHE A 278 -12.27 -16.63 -13.67
CA PHE A 278 -11.56 -16.53 -12.37
C PHE A 278 -12.23 -17.50 -11.37
N GLU A 279 -13.57 -17.47 -11.24
CA GLU A 279 -14.35 -18.39 -10.34
C GLU A 279 -14.11 -19.81 -10.83
N GLN A 280 -14.56 -20.13 -12.05
CA GLN A 280 -14.61 -21.53 -12.52
C GLN A 280 -13.21 -22.12 -12.53
N SER A 281 -12.13 -21.37 -12.75
CA SER A 281 -10.78 -21.95 -12.83
C SER A 281 -10.29 -22.41 -11.45
N GLY A 282 -10.81 -21.86 -10.35
CA GLY A 282 -10.22 -22.04 -9.01
C GLY A 282 -9.31 -20.88 -8.60
N GLY A 283 -9.08 -19.92 -9.50
CA GLY A 283 -8.21 -18.76 -9.27
C GLY A 283 -8.73 -17.87 -8.15
N ALA A 284 -10.04 -17.59 -8.14
CA ALA A 284 -10.65 -16.73 -7.11
C ALA A 284 -10.47 -17.38 -5.73
N LYS A 285 -10.80 -18.65 -5.61
CA LYS A 285 -10.65 -19.38 -4.33
C LYS A 285 -9.16 -19.40 -3.92
N ALA A 286 -8.27 -19.62 -4.89
CA ALA A 286 -6.83 -19.73 -4.57
C ALA A 286 -6.33 -18.37 -4.05
N THR A 287 -6.97 -17.28 -4.48
CA THR A 287 -6.64 -15.91 -4.06
C THR A 287 -7.13 -15.70 -2.63
N LEU A 288 -8.38 -16.04 -2.35
CA LEU A 288 -8.93 -16.00 -0.98
C LEU A 288 -8.09 -16.88 -0.05
N ASP A 289 -7.61 -18.04 -0.52
CA ASP A 289 -6.75 -18.92 0.32
C ASP A 289 -5.43 -18.20 0.63
N ALA A 290 -4.82 -17.56 -0.36
CA ALA A 290 -3.52 -16.90 -0.13
C ALA A 290 -3.72 -15.73 0.84
N ILE A 291 -4.83 -15.00 0.77
CA ILE A 291 -5.10 -13.86 1.70
C ILE A 291 -5.22 -14.41 3.12
N GLU A 292 -6.00 -15.48 3.26
CA GLU A 292 -6.25 -16.21 4.53
C GLU A 292 -4.90 -16.64 5.08
N SER A 293 -4.07 -17.22 4.23
CA SER A 293 -2.78 -17.79 4.63
C SER A 293 -1.83 -16.69 5.13
N TYR A 294 -1.74 -15.57 4.41
CA TYR A 294 -0.90 -14.44 4.86
C TYR A 294 -1.45 -13.84 6.14
N THR A 295 -2.77 -13.76 6.26
CA THR A 295 -3.38 -13.19 7.49
C THR A 295 -3.01 -14.07 8.69
N GLN A 296 -3.06 -15.39 8.53
CA GLN A 296 -2.71 -16.31 9.64
C GLN A 296 -1.25 -16.12 9.99
N LYS A 297 -0.39 -15.99 8.99
CA LYS A 297 1.06 -15.80 9.22
C LYS A 297 1.24 -14.52 10.04
N ALA A 298 0.49 -13.47 9.71
CA ALA A 298 0.56 -12.19 10.42
C ALA A 298 0.08 -12.37 11.88
N LEU A 299 -0.99 -13.15 12.09
CA LEU A 299 -1.52 -13.39 13.45
C LEU A 299 -0.49 -14.13 14.31
N LYS A 300 0.17 -15.16 13.76
CA LYS A 300 1.28 -15.87 14.44
C LYS A 300 2.42 -14.90 14.73
N ASN A 301 2.75 -13.99 13.81
CA ASN A 301 3.80 -12.99 14.11
C ASN A 301 3.36 -12.20 15.35
N ILE A 302 2.08 -11.83 15.45
CA ILE A 302 1.61 -10.99 16.58
C ILE A 302 1.86 -11.75 17.91
N GLU A 303 1.58 -13.06 17.92
CA GLU A 303 1.70 -13.91 19.12
C GLU A 303 3.15 -13.84 19.61
N GLU A 304 4.13 -13.66 18.72
CA GLU A 304 5.56 -13.70 19.12
C GLU A 304 6.15 -12.33 19.46
N LEU A 305 5.39 -11.27 19.32
CA LEU A 305 5.94 -9.92 19.62
C LEU A 305 6.12 -9.75 21.12
N SER A 306 7.09 -8.94 21.52
CA SER A 306 7.33 -8.61 22.94
C SER A 306 6.45 -7.42 23.32
N ILE A 307 5.14 -7.66 23.40
CA ILE A 307 4.12 -6.63 23.75
C ILE A 307 3.11 -7.26 24.72
N ALA A 308 2.36 -6.44 25.43
CA ALA A 308 1.34 -6.91 26.41
C ALA A 308 0.21 -7.64 25.67
N PRO A 309 -0.39 -8.70 26.24
CA PRO A 309 -1.51 -9.40 25.60
C PRO A 309 -2.65 -8.52 25.13
N GLU A 310 -2.96 -7.43 25.85
N GLU A 310 -2.94 -7.39 25.78
CA GLU A 310 -3.93 -6.42 25.37
CA GLU A 310 -3.99 -6.44 25.31
C GLU A 310 -3.47 -6.05 23.94
C GLU A 310 -3.50 -5.64 24.08
N SER A 311 -2.20 -5.64 23.81
CA SER A 311 -1.61 -5.05 22.60
C SER A 311 -1.76 -6.07 21.48
N LYS A 312 -1.51 -7.34 21.73
CA LYS A 312 -1.72 -8.42 20.76
C LYS A 312 -3.19 -8.58 20.34
N LYS A 313 -4.11 -8.40 21.29
CA LYS A 313 -5.56 -8.49 21.00
C LYS A 313 -5.97 -7.32 20.11
N GLN A 314 -5.50 -6.13 20.45
CA GLN A 314 -5.82 -4.91 19.66
C GLN A 314 -5.26 -5.11 18.25
N LEU A 315 -4.02 -5.57 18.12
CA LEU A 315 -3.34 -5.71 16.82
C LEU A 315 -4.04 -6.83 16.04
N THR A 316 -4.48 -7.88 16.73
CA THR A 316 -5.08 -9.06 16.08
C THR A 316 -6.42 -8.62 15.48
N ASP A 317 -7.18 -7.83 16.22
CA ASP A 317 -8.47 -7.28 15.80
C ASP A 317 -8.26 -6.30 14.66
N PHE A 318 -7.23 -5.46 14.74
CA PHE A 318 -6.98 -4.45 13.70
C PHE A 318 -6.67 -5.17 12.36
N SER A 319 -5.90 -6.25 12.42
CA SER A 319 -5.48 -7.07 11.28
C SER A 319 -6.72 -7.70 10.66
N LEU A 320 -7.60 -8.27 11.49
CA LEU A 320 -8.83 -8.90 10.96
C LEU A 320 -9.75 -7.80 10.39
N GLN A 321 -9.92 -6.68 11.06
CA GLN A 321 -10.79 -5.61 10.51
C GLN A 321 -10.24 -5.14 9.15
N LEU A 322 -8.91 -5.02 9.01
CA LEU A 322 -8.28 -4.47 7.79
C LEU A 322 -8.63 -5.38 6.61
N MET A 323 -8.70 -6.68 6.86
CA MET A 323 -8.91 -7.74 5.84
C MET A 323 -10.41 -8.01 5.64
N GLY A 324 -11.24 -7.07 6.08
CA GLY A 324 -12.73 -7.13 6.01
C GLY A 324 -13.35 -8.34 6.72
N ARG A 325 -12.71 -8.88 7.77
CA ARG A 325 -13.24 -9.95 8.67
C ARG A 325 -13.70 -9.31 10.00
N LYS A 326 -14.22 -10.13 10.91
CA LYS A 326 -14.74 -9.58 12.19
C LYS A 326 -13.89 -10.09 13.35
N SER A 327 -13.91 -9.36 14.45
CA SER A 327 -13.09 -9.64 15.66
C SER A 327 -13.64 -10.84 16.44
O11 PPV B . -4.68 2.04 -0.80
P1 PPV B . -4.11 2.50 0.50
O21 PPV B . -2.89 1.75 0.86
O31 PPV B . -5.13 2.46 1.60
OPP PPV B . -3.62 4.06 0.32
P2 PPV B . -4.28 5.55 0.31
O12 PPV B . -4.94 5.72 -1.01
O22 PPV B . -5.27 5.58 1.44
O32 PPV B . -3.19 6.55 0.52
C1 GOL C . 1.22 2.14 -3.32
O1 GOL C . 0.77 0.93 -2.73
C2 GOL C . 2.48 1.93 -4.14
O2 GOL C . 2.16 1.26 -5.36
C3 GOL C . 3.24 3.20 -4.49
O3 GOL C . 2.57 3.95 -5.51
C1 GOL D . 6.38 6.10 -7.43
O1 GOL D . 5.94 4.87 -8.01
C2 GOL D . 7.89 6.08 -7.17
O2 GOL D . 8.39 7.33 -6.69
C3 GOL D . 8.33 4.98 -6.23
O3 GOL D . 9.61 5.28 -5.66
MG MG E . -3.89 3.90 -4.54
MG MG F . -0.87 -2.63 -7.78
#